data_6TC5
#
_entry.id   6TC5
#
_cell.length_a   133.875
_cell.length_b   133.875
_cell.length_c   46.951
_cell.angle_alpha   90.000
_cell.angle_beta   90.000
_cell.angle_gamma   120.000
#
_symmetry.space_group_name_H-M   'P 31 2 1'
#
loop_
_entity.id
_entity.type
_entity.pdbx_description
1 polymer Phytochrome
2 non-polymer '3-[5-[[(3~{R},4~{R})-3-ethyl-4-methyl-5-oxidanylidene-3,4-dihydropyrrol-2-yl]methyl]-2-[[5-[(4-ethyl-3-methyl-5-oxidanylidene-pyrrol-2-yl)methyl]-3-(3-hydroxy-3-oxopropyl)-4-methyl-1~{H}-pyrrol-2-yl]methyl]-4-methyl-1~{H}-pyrrol-3-yl]propanoic acid'
3 non-polymer BETA-MERCAPTOETHANOL
4 water water
#
_entity_poly.entity_id   1
_entity_poly.type   'polypeptide(L)'
_entity_poly.pdbx_seq_one_letter_code
;MAAAYLSRIQRGGHIQPFGCTLAVADDSSFRLLAFSENAADLLDLSPHHSVPSLDSAAPPPVSLGADARLLFSPSSAVLL
ERAFAAREISLLNPLWIHSRVSSKPFYAILHRIDVGVVIDLEPARTEDPALSIAGAVQSQKLAVRAISRLQALPGGDIKL
LCDTVVEHVRELTGYDRVMVYRFHEDEHGEVVAESRRDNLEPYLGLHYPATDIPQASRFLFRQNRVRMIADCHATPVRVI
QDPGMSQPLCLVGSTLRAPHGCHAQYMANMGSIASLVMAVIISSGGDDEQTGRGGISSAMKLWGLVVCHHTSPRCIPFPL
RYACEFLMQAFGLQLNMELQLAHQLSEKHHHHHH
;
_entity_poly.pdbx_strand_id   AAA
#
# COMPACT_ATOMS: atom_id res chain seq x y z
N ALA A 4 18.47 -8.22 -12.26
CA ALA A 4 18.37 -8.32 -10.80
C ALA A 4 17.02 -7.75 -10.32
N TYR A 5 16.58 -6.52 -10.72
CA TYR A 5 15.55 -5.78 -9.91
C TYR A 5 14.20 -6.55 -9.79
N LEU A 6 13.58 -6.99 -10.89
CA LEU A 6 12.15 -7.44 -10.91
C LEU A 6 11.96 -8.64 -9.96
N SER A 7 12.82 -9.64 -10.03
CA SER A 7 12.71 -10.85 -9.18
C SER A 7 12.95 -10.46 -7.70
N ARG A 8 13.91 -9.59 -7.40
CA ARG A 8 14.18 -9.02 -6.05
C ARG A 8 12.97 -8.31 -5.44
N ILE A 9 12.25 -7.55 -6.27
CA ILE A 9 11.06 -6.79 -5.83
C ILE A 9 9.89 -7.77 -5.65
N GLN A 10 9.72 -8.69 -6.60
CA GLN A 10 8.58 -9.63 -6.62
C GLN A 10 8.71 -10.65 -5.48
N ARG A 11 9.92 -11.14 -5.22
CA ARG A 11 10.20 -12.30 -4.33
C ARG A 11 11.46 -11.97 -3.51
N GLY A 12 11.46 -10.87 -2.75
CA GLY A 12 12.63 -10.37 -1.99
C GLY A 12 12.69 -10.95 -0.59
N GLY A 13 11.69 -11.73 -0.20
CA GLY A 13 11.71 -12.51 1.05
C GLY A 13 11.57 -11.65 2.29
N HIS A 14 11.22 -10.36 2.18
CA HIS A 14 11.17 -9.45 3.36
C HIS A 14 9.95 -8.55 3.34
N ILE A 15 9.42 -8.29 4.53
CA ILE A 15 8.29 -7.33 4.77
C ILE A 15 8.76 -6.28 5.79
N GLN A 16 8.01 -5.20 5.87
CA GLN A 16 8.24 -4.08 6.81
C GLN A 16 7.71 -4.48 8.18
N PRO A 17 8.45 -4.13 9.26
CA PRO A 17 8.10 -4.61 10.60
C PRO A 17 6.85 -4.02 11.27
N PHE A 18 6.18 -3.01 10.69
CA PHE A 18 5.00 -2.42 11.37
C PHE A 18 3.82 -3.40 11.28
N GLY A 19 3.89 -4.37 10.35
CA GLY A 19 2.86 -5.40 10.25
C GLY A 19 3.48 -6.78 10.16
N CYS A 20 2.67 -7.79 9.93
CA CYS A 20 3.13 -9.16 9.65
C CYS A 20 2.26 -9.75 8.55
N THR A 21 2.78 -10.82 7.97
CA THR A 21 2.27 -11.45 6.74
C THR A 21 2.22 -12.96 6.96
N LEU A 22 1.12 -13.58 6.60
CA LEU A 22 0.95 -15.04 6.54
C LEU A 22 0.66 -15.44 5.10
N ALA A 23 1.11 -16.64 4.75
CA ALA A 23 0.70 -17.32 3.51
C ALA A 23 -0.04 -18.57 3.96
N VAL A 24 -1.25 -18.78 3.45
CA VAL A 24 -2.23 -19.76 3.98
C VAL A 24 -2.72 -20.62 2.81
N ALA A 25 -2.84 -21.92 3.05
CA ALA A 25 -3.38 -22.86 2.05
C ALA A 25 -4.79 -22.41 1.68
N ASP A 26 -5.08 -22.56 0.39
CA ASP A 26 -6.33 -22.12 -0.27
C ASP A 26 -7.19 -23.36 -0.60
N ASP A 27 -7.41 -24.27 0.36
CA ASP A 27 -8.11 -25.57 0.17
C ASP A 27 -9.06 -25.82 1.33
N SER A 28 -9.33 -24.78 2.13
CA SER A 28 -10.22 -24.80 3.31
C SER A 28 -9.54 -25.46 4.53
N SER A 29 -8.26 -25.88 4.46
CA SER A 29 -7.48 -26.31 5.67
C SER A 29 -6.89 -25.12 6.45
N PHE A 30 -6.68 -23.96 5.82
CA PHE A 30 -6.06 -22.79 6.47
C PHE A 30 -4.64 -23.13 6.99
N ARG A 31 -3.97 -24.12 6.41
CA ARG A 31 -2.63 -24.51 6.90
C ARG A 31 -1.67 -23.35 6.62
N LEU A 32 -0.79 -23.04 7.59
CA LEU A 32 0.30 -22.04 7.38
C LEU A 32 1.37 -22.58 6.43
N LEU A 33 1.53 -21.93 5.28
CA LEU A 33 2.61 -22.17 4.29
C LEU A 33 3.82 -21.27 4.56
N ALA A 34 3.63 -20.11 5.18
CA ALA A 34 4.70 -19.13 5.46
C ALA A 34 4.17 -18.09 6.42
N PHE A 35 5.10 -17.42 7.09
CA PHE A 35 4.84 -16.35 8.07
C PHE A 35 6.10 -15.50 8.20
N SER A 36 5.93 -14.19 8.31
CA SER A 36 7.05 -13.30 8.64
C SER A 36 7.54 -13.66 10.05
N GLU A 37 8.85 -13.54 10.32
CA GLU A 37 9.40 -14.08 11.61
C GLU A 37 8.82 -13.27 12.77
N ASN A 38 8.30 -12.06 12.53
CA ASN A 38 7.74 -11.20 13.60
C ASN A 38 6.29 -11.56 13.92
N ALA A 39 5.67 -12.52 13.23
CA ALA A 39 4.21 -12.78 13.36
C ALA A 39 3.80 -13.06 14.81
N ALA A 40 4.46 -14.00 15.51
CA ALA A 40 4.11 -14.39 16.89
C ALA A 40 4.25 -13.17 17.81
N ASP A 41 5.34 -12.42 17.70
CA ASP A 41 5.55 -11.21 18.53
C ASP A 41 4.38 -10.22 18.27
N LEU A 42 4.06 -9.88 17.02
CA LEU A 42 3.01 -8.87 16.73
C LEU A 42 1.63 -9.40 17.14
N LEU A 43 1.41 -10.72 17.19
CA LEU A 43 0.12 -11.36 17.61
C LEU A 43 0.04 -11.58 19.12
N ASP A 44 1.10 -11.25 19.87
CA ASP A 44 1.18 -11.38 21.35
C ASP A 44 1.08 -12.87 21.67
N LEU A 45 2.00 -13.65 21.11
CA LEU A 45 2.10 -15.12 21.30
C LEU A 45 3.57 -15.44 21.58
N SER A 46 4.12 -14.83 22.64
CA SER A 46 5.53 -14.93 23.12
C SER A 46 6.44 -15.47 22.00
N ALA A 58 4.42 -29.99 21.48
CA ALA A 58 3.22 -29.10 21.37
C ALA A 58 3.60 -27.84 20.59
N PRO A 59 3.54 -27.84 19.23
CA PRO A 59 4.20 -26.80 18.43
C PRO A 59 3.57 -25.43 18.67
N PRO A 60 4.31 -24.30 18.49
CA PRO A 60 3.75 -22.97 18.67
C PRO A 60 2.61 -22.68 17.68
N PRO A 61 1.61 -21.81 17.99
CA PRO A 61 0.53 -21.54 17.04
C PRO A 61 1.02 -20.98 15.69
N VAL A 62 2.12 -20.21 15.71
CA VAL A 62 2.79 -19.78 14.45
C VAL A 62 3.86 -20.80 14.07
N SER A 63 3.45 -21.85 13.36
CA SER A 63 4.28 -22.99 12.88
C SER A 63 3.85 -23.36 11.46
N LEU A 64 4.77 -23.90 10.66
CA LEU A 64 4.42 -24.41 9.32
C LEU A 64 3.34 -25.46 9.53
N GLY A 65 2.27 -25.39 8.74
CA GLY A 65 1.24 -26.45 8.71
C GLY A 65 0.23 -26.28 9.81
N ALA A 66 0.40 -25.34 10.73
CA ALA A 66 -0.61 -25.06 11.77
C ALA A 66 -1.79 -24.34 11.11
N ASP A 67 -2.95 -24.40 11.76
CA ASP A 67 -4.21 -23.81 11.26
C ASP A 67 -4.16 -22.31 11.55
N ALA A 68 -4.07 -21.49 10.52
CA ALA A 68 -4.04 -20.00 10.64
C ALA A 68 -5.23 -19.47 11.44
N ARG A 69 -6.38 -20.16 11.45
CA ARG A 69 -7.60 -19.62 12.10
C ARG A 69 -7.43 -19.55 13.62
N LEU A 70 -6.60 -20.42 14.17
CA LEU A 70 -6.37 -20.54 15.63
C LEU A 70 -5.47 -19.40 16.13
N LEU A 71 -4.95 -18.54 15.25
CA LEU A 71 -4.22 -17.29 15.63
C LEU A 71 -5.21 -16.22 16.08
N PHE A 72 -6.47 -16.32 15.68
CA PHE A 72 -7.45 -15.21 15.80
C PHE A 72 -8.58 -15.63 16.71
N SER A 73 -9.32 -14.67 17.27
CA SER A 73 -10.56 -14.99 18.01
C SER A 73 -11.42 -15.95 17.17
N PRO A 74 -12.30 -16.74 17.81
CA PRO A 74 -13.24 -17.60 17.10
C PRO A 74 -14.17 -16.87 16.11
N SER A 75 -14.61 -15.66 16.45
CA SER A 75 -15.43 -14.80 15.55
C SER A 75 -14.62 -14.38 14.32
N SER A 76 -13.34 -14.05 14.53
CA SER A 76 -12.39 -13.67 13.45
C SER A 76 -12.27 -14.84 12.47
N ALA A 77 -12.20 -16.05 13.01
CA ALA A 77 -12.01 -17.25 12.18
C ALA A 77 -13.18 -17.35 11.19
N VAL A 78 -14.39 -17.10 11.67
CA VAL A 78 -15.62 -17.17 10.82
C VAL A 78 -15.48 -16.13 9.69
N LEU A 79 -14.97 -14.92 9.95
CA LEU A 79 -14.76 -13.93 8.85
C LEU A 79 -13.75 -14.49 7.83
N LEU A 80 -12.67 -15.10 8.31
CA LEU A 80 -11.62 -15.62 7.38
C LEU A 80 -12.25 -16.67 6.43
N GLU A 81 -13.14 -17.51 6.94
CA GLU A 81 -13.79 -18.58 6.14
C GLU A 81 -14.61 -17.98 5.01
N ARG A 82 -15.51 -17.04 5.31
CA ARG A 82 -16.31 -16.32 4.27
C ARG A 82 -15.34 -15.71 3.29
N ALA A 83 -14.36 -14.96 3.79
CA ALA A 83 -13.44 -14.20 2.91
C ALA A 83 -12.77 -15.15 1.93
N PHE A 84 -12.29 -16.30 2.42
CA PHE A 84 -11.55 -17.32 1.59
C PHE A 84 -12.53 -17.97 0.60
N ALA A 85 -13.77 -18.19 1.04
CA ALA A 85 -14.83 -18.88 0.25
C ALA A 85 -15.40 -17.97 -0.87
N ALA A 86 -15.37 -16.65 -0.69
CA ALA A 86 -15.96 -15.67 -1.61
C ALA A 86 -15.39 -15.82 -3.02
N ARG A 87 -16.19 -15.44 -4.01
CA ARG A 87 -15.81 -15.50 -5.45
C ARG A 87 -14.72 -14.48 -5.74
N GLU A 88 -14.76 -13.29 -5.11
CA GLU A 88 -13.72 -12.26 -5.35
C GLU A 88 -13.19 -11.80 -3.99
N ILE A 89 -11.95 -12.18 -3.66
CA ILE A 89 -11.38 -12.02 -2.30
C ILE A 89 -11.25 -10.53 -1.94
N SER A 90 -10.93 -9.67 -2.90
CA SER A 90 -10.64 -8.24 -2.60
C SER A 90 -11.89 -7.51 -2.09
N LEU A 91 -13.11 -7.98 -2.37
CA LEU A 91 -14.33 -7.22 -2.00
C LEU A 91 -14.51 -7.10 -0.48
N LEU A 92 -13.95 -8.00 0.32
CA LEU A 92 -14.15 -7.91 1.79
C LEU A 92 -12.98 -7.17 2.46
N ASN A 93 -11.95 -6.77 1.70
CA ASN A 93 -10.74 -6.13 2.26
C ASN A 93 -11.12 -4.72 2.70
N PRO A 94 -10.78 -4.27 3.93
CA PRO A 94 -10.06 -5.06 4.92
C PRO A 94 -10.92 -5.76 5.97
N LEU A 95 -10.51 -6.94 6.44
CA LEU A 95 -11.19 -7.57 7.60
C LEU A 95 -10.75 -6.87 8.88
N TRP A 96 -11.65 -6.81 9.84
CA TRP A 96 -11.40 -6.30 11.20
C TRP A 96 -11.35 -7.52 12.10
N ILE A 97 -10.19 -7.94 12.56
CA ILE A 97 -10.07 -9.21 13.32
C ILE A 97 -9.20 -9.01 14.54
N HIS A 98 -9.16 -10.04 15.36
CA HIS A 98 -8.57 -9.98 16.71
C HIS A 98 -7.67 -11.20 16.88
N SER A 99 -6.47 -10.97 17.40
CA SER A 99 -5.59 -12.06 17.90
C SER A 99 -6.34 -12.86 18.97
N ARG A 100 -6.10 -14.17 19.02
CA ARG A 100 -6.74 -15.13 19.97
C ARG A 100 -6.49 -14.70 21.41
N VAL A 101 -5.23 -14.63 21.83
CA VAL A 101 -4.85 -14.44 23.26
C VAL A 101 -5.19 -13.00 23.66
N SER A 102 -4.50 -12.03 23.08
CA SER A 102 -4.47 -10.62 23.53
C SER A 102 -5.73 -9.83 23.11
N SER A 103 -6.52 -10.30 22.13
CA SER A 103 -7.66 -9.55 21.54
C SER A 103 -7.15 -8.30 20.84
N LYS A 104 -5.90 -8.29 20.43
CA LYS A 104 -5.30 -7.17 19.68
C LYS A 104 -5.97 -7.08 18.30
N PRO A 105 -6.46 -5.89 17.89
CA PRO A 105 -7.14 -5.78 16.60
C PRO A 105 -6.18 -5.43 15.47
N PHE A 106 -6.57 -5.89 14.28
CA PHE A 106 -5.84 -5.74 13.00
C PHE A 106 -6.82 -5.53 11.87
N TYR A 107 -6.39 -4.75 10.89
CA TYR A 107 -6.87 -4.85 9.50
C TYR A 107 -6.13 -6.00 8.84
N ALA A 108 -6.90 -6.94 8.28
CA ALA A 108 -6.35 -8.03 7.44
C ALA A 108 -6.66 -7.74 5.96
N ILE A 109 -5.63 -7.64 5.13
CA ILE A 109 -5.78 -7.48 3.66
C ILE A 109 -5.27 -8.77 3.00
N LEU A 110 -6.14 -9.37 2.19
CA LEU A 110 -6.02 -10.74 1.63
C LEU A 110 -5.86 -10.62 0.12
N HIS A 111 -4.94 -11.36 -0.48
CA HIS A 111 -4.94 -11.52 -1.95
C HIS A 111 -4.49 -12.94 -2.26
N ARG A 112 -4.78 -13.44 -3.48
CA ARG A 112 -4.38 -14.79 -3.97
C ARG A 112 -3.06 -14.68 -4.73
N ILE A 113 -2.22 -15.71 -4.58
CA ILE A 113 -0.98 -15.97 -5.36
C ILE A 113 -0.96 -17.46 -5.75
N ASP A 114 0.02 -17.84 -6.55
CA ASP A 114 0.29 -19.24 -6.95
C ASP A 114 -0.01 -20.22 -5.79
N VAL A 115 0.66 -20.08 -4.65
CA VAL A 115 0.63 -21.13 -3.58
C VAL A 115 -0.61 -21.04 -2.67
N GLY A 116 -1.40 -19.96 -2.70
CA GLY A 116 -2.43 -19.79 -1.66
C GLY A 116 -2.90 -18.36 -1.49
N VAL A 117 -3.24 -18.01 -0.26
CA VAL A 117 -3.75 -16.67 0.12
C VAL A 117 -2.71 -16.02 1.04
N VAL A 118 -2.31 -14.80 0.68
CA VAL A 118 -1.46 -13.93 1.53
C VAL A 118 -2.39 -13.07 2.38
N ILE A 119 -2.10 -13.04 3.67
CA ILE A 119 -2.83 -12.18 4.63
C ILE A 119 -1.84 -11.17 5.20
N ASP A 120 -2.02 -9.89 4.87
CA ASP A 120 -1.25 -8.77 5.47
C ASP A 120 -2.02 -8.32 6.70
N LEU A 121 -1.33 -8.28 7.84
CA LEU A 121 -1.92 -7.89 9.14
C LEU A 121 -1.28 -6.59 9.62
N GLU A 122 -2.07 -5.52 9.60
CA GLU A 122 -1.68 -4.16 10.03
C GLU A 122 -2.35 -3.84 11.35
N PRO A 123 -1.61 -3.66 12.47
CA PRO A 123 -2.22 -3.23 13.74
C PRO A 123 -3.18 -2.05 13.52
N ALA A 124 -4.43 -2.20 13.97
CA ALA A 124 -5.41 -1.10 14.04
C ALA A 124 -5.21 -0.42 15.38
N ARG A 125 -5.44 0.87 15.46
CA ARG A 125 -5.08 1.59 16.72
C ARG A 125 -6.38 1.71 17.53
N THR A 126 -6.39 1.02 18.69
CA THR A 126 -7.56 0.48 19.43
C THR A 126 -8.48 1.62 19.90
N GLU A 127 -9.68 1.68 19.35
CA GLU A 127 -10.81 2.51 19.85
C GLU A 127 -11.93 1.53 20.19
N ASP A 128 -13.18 2.01 20.25
CA ASP A 128 -14.37 1.14 20.07
C ASP A 128 -14.56 0.98 18.56
N PRO A 129 -15.38 0.01 18.10
CA PRO A 129 -15.57 -0.21 16.66
C PRO A 129 -16.31 0.92 15.91
N ALA A 130 -17.03 1.79 16.64
CA ALA A 130 -17.81 2.93 16.11
C ALA A 130 -16.87 4.11 15.81
N LEU A 131 -15.90 4.37 16.70
CA LEU A 131 -14.75 5.28 16.48
C LEU A 131 -13.92 4.70 15.32
N SER A 132 -13.76 3.36 15.25
CA SER A 132 -13.09 2.63 14.12
C SER A 132 -13.89 2.84 12.82
N ILE A 133 -15.22 2.62 12.84
CA ILE A 133 -16.17 2.85 11.70
C ILE A 133 -16.08 4.31 11.19
N ALA A 134 -15.97 5.30 12.10
CA ALA A 134 -15.96 6.78 11.84
C ALA A 134 -14.72 7.22 10.99
N GLY A 135 -13.50 6.77 11.37
CA GLY A 135 -12.27 6.81 10.56
C GLY A 135 -12.49 6.33 9.12
N ALA A 136 -12.96 5.08 8.93
CA ALA A 136 -13.20 4.44 7.61
C ALA A 136 -14.26 5.21 6.80
N VAL A 137 -15.39 5.53 7.42
CA VAL A 137 -16.50 6.34 6.83
C VAL A 137 -15.91 7.62 6.28
N GLN A 138 -15.32 8.44 7.18
CA GLN A 138 -14.80 9.80 6.87
C GLN A 138 -13.79 9.74 5.71
N SER A 139 -12.89 8.73 5.72
CA SER A 139 -11.97 8.36 4.61
C SER A 139 -12.72 8.31 3.28
N GLN A 140 -13.57 7.30 3.07
CA GLN A 140 -14.29 7.04 1.79
CA GLN A 140 -14.29 7.02 1.81
C GLN A 140 -15.03 8.30 1.35
N LYS A 141 -15.68 9.02 2.28
CA LYS A 141 -16.46 10.25 1.98
C LYS A 141 -15.50 11.42 1.74
N LEU A 142 -14.36 11.48 2.46
CA LEU A 142 -13.31 12.53 2.23
C LEU A 142 -12.79 12.45 0.79
N ALA A 143 -12.77 11.24 0.22
CA ALA A 143 -12.28 10.94 -1.14
C ALA A 143 -13.35 11.30 -2.18
N VAL A 144 -14.63 10.95 -1.94
CA VAL A 144 -15.73 11.32 -2.88
C VAL A 144 -15.78 12.85 -2.93
N ARG A 145 -15.57 13.50 -1.78
CA ARG A 145 -15.61 14.97 -1.65
C ARG A 145 -14.49 15.56 -2.49
N ALA A 146 -13.26 15.01 -2.33
CA ALA A 146 -12.09 15.44 -3.12
C ALA A 146 -12.36 15.17 -4.61
N ILE A 147 -12.98 14.06 -4.98
CA ILE A 147 -13.29 13.77 -6.41
C ILE A 147 -14.24 14.84 -6.95
N SER A 148 -15.27 15.23 -6.20
CA SER A 148 -16.29 16.18 -6.70
C SER A 148 -15.65 17.58 -6.75
N ARG A 149 -14.73 17.88 -5.81
CA ARG A 149 -13.99 19.17 -5.84
C ARG A 149 -13.12 19.21 -7.10
N LEU A 150 -12.56 18.06 -7.54
CA LEU A 150 -11.82 17.97 -8.84
C LEU A 150 -12.79 18.17 -10.00
N GLN A 151 -13.95 17.52 -9.95
CA GLN A 151 -14.93 17.54 -11.07
C GLN A 151 -15.50 18.97 -11.23
N ALA A 152 -15.58 19.73 -10.13
CA ALA A 152 -16.00 21.16 -10.08
C ALA A 152 -14.97 22.09 -10.75
N LEU A 153 -13.79 21.61 -11.12
CA LEU A 153 -12.70 22.47 -11.68
C LEU A 153 -13.04 22.80 -13.13
N PRO A 154 -12.78 24.06 -13.58
CA PRO A 154 -12.90 24.39 -15.01
C PRO A 154 -11.89 23.61 -15.84
N GLY A 155 -12.25 23.22 -17.07
CA GLY A 155 -11.45 22.35 -17.96
C GLY A 155 -10.32 23.10 -18.65
N GLY A 156 -9.48 22.37 -19.40
CA GLY A 156 -8.30 22.87 -20.14
C GLY A 156 -7.15 23.32 -19.25
N ASP A 157 -7.14 23.01 -17.95
CA ASP A 157 -6.08 23.47 -17.00
C ASP A 157 -5.54 22.31 -16.15
N ILE A 158 -4.56 21.58 -16.69
CA ILE A 158 -3.90 20.43 -16.04
C ILE A 158 -3.12 20.88 -14.80
N LYS A 159 -2.40 22.01 -14.85
CA LYS A 159 -1.57 22.39 -13.69
C LYS A 159 -2.49 22.55 -12.48
N LEU A 160 -3.69 23.10 -12.70
CA LEU A 160 -4.65 23.42 -11.61
C LEU A 160 -5.21 22.10 -11.04
N LEU A 161 -5.56 21.17 -11.92
CA LEU A 161 -5.95 19.79 -11.55
C LEU A 161 -4.88 19.17 -10.63
N CYS A 162 -3.61 19.21 -11.05
CA CYS A 162 -2.47 18.62 -10.29
C CYS A 162 -2.30 19.35 -8.96
N ASP A 163 -2.42 20.68 -8.99
CA ASP A 163 -2.26 21.50 -7.75
C ASP A 163 -3.36 21.14 -6.77
N THR A 164 -4.54 20.85 -7.28
CA THR A 164 -5.71 20.54 -6.42
C THR A 164 -5.52 19.14 -5.81
N VAL A 165 -5.16 18.15 -6.62
CA VAL A 165 -4.95 16.77 -6.13
C VAL A 165 -3.99 16.82 -4.94
N VAL A 166 -2.84 17.49 -5.08
CA VAL A 166 -1.80 17.41 -4.01
C VAL A 166 -2.37 18.05 -2.73
N GLU A 167 -3.22 19.06 -2.88
CA GLU A 167 -3.78 19.77 -1.70
C GLU A 167 -4.72 18.82 -0.94
N HIS A 168 -5.60 18.18 -1.66
CA HIS A 168 -6.55 17.19 -1.10
C HIS A 168 -5.78 16.00 -0.53
N VAL A 169 -4.81 15.47 -1.28
CA VAL A 169 -4.12 14.23 -0.82
C VAL A 169 -3.41 14.57 0.49
N ARG A 170 -2.82 15.76 0.56
CA ARG A 170 -2.11 16.16 1.79
C ARG A 170 -3.11 16.26 2.94
N GLU A 171 -4.28 16.84 2.68
CA GLU A 171 -5.35 17.02 3.70
C GLU A 171 -5.71 15.63 4.24
N LEU A 172 -6.07 14.70 3.34
CA LEU A 172 -6.43 13.28 3.65
C LEU A 172 -5.38 12.56 4.49
N THR A 173 -4.12 12.60 4.04
CA THR A 173 -3.08 11.66 4.49
C THR A 173 -2.26 12.28 5.61
N GLY A 174 -2.12 13.61 5.66
CA GLY A 174 -1.24 14.31 6.63
C GLY A 174 0.25 14.11 6.37
N TYR A 175 0.65 13.70 5.17
CA TYR A 175 2.10 13.58 4.83
C TYR A 175 2.65 15.02 4.80
N ASP A 176 3.87 15.20 5.30
CA ASP A 176 4.62 16.47 5.27
C ASP A 176 4.74 17.06 3.87
N ARG A 177 4.83 16.23 2.84
CA ARG A 177 5.08 16.66 1.44
C ARG A 177 4.28 15.77 0.51
N VAL A 178 3.54 16.35 -0.41
CA VAL A 178 2.77 15.61 -1.43
C VAL A 178 3.09 16.29 -2.77
N MET A 179 3.49 15.50 -3.76
CA MET A 179 3.94 15.95 -5.09
C MET A 179 3.25 15.16 -6.21
N VAL A 180 3.04 15.80 -7.35
CA VAL A 180 2.83 15.11 -8.64
C VAL A 180 4.18 15.03 -9.35
N TYR A 181 4.61 13.82 -9.65
CA TYR A 181 5.84 13.50 -10.41
C TYR A 181 5.43 13.05 -11.82
N ARG A 182 5.75 13.82 -12.87
CA ARG A 182 5.39 13.50 -14.26
C ARG A 182 6.58 12.90 -15.01
N PHE A 183 6.38 11.75 -15.66
CA PHE A 183 7.37 11.13 -16.57
C PHE A 183 7.37 11.89 -17.89
N HIS A 184 8.50 12.44 -18.27
CA HIS A 184 8.74 12.96 -19.63
C HIS A 184 8.87 11.76 -20.58
N GLU A 185 8.81 12.02 -21.88
CA GLU A 185 8.91 11.01 -22.96
C GLU A 185 10.18 10.18 -22.74
N ASP A 186 11.30 10.82 -22.36
CA ASP A 186 12.61 10.12 -22.13
C ASP A 186 12.61 9.43 -20.75
N GLU A 187 11.49 9.48 -20.02
CA GLU A 187 11.23 8.70 -18.78
C GLU A 187 11.91 9.34 -17.56
N HIS A 188 12.66 10.44 -17.72
CA HIS A 188 13.06 11.26 -16.54
C HIS A 188 11.80 11.93 -15.98
N GLY A 189 11.81 12.22 -14.69
CA GLY A 189 10.64 12.74 -13.97
C GLY A 189 10.87 14.19 -13.55
N GLU A 190 9.79 14.94 -13.41
CA GLU A 190 9.78 16.35 -12.96
C GLU A 190 8.69 16.50 -11.91
N VAL A 191 8.96 17.17 -10.81
CA VAL A 191 7.91 17.55 -9.82
C VAL A 191 7.13 18.74 -10.40
N VAL A 192 5.92 18.49 -10.86
CA VAL A 192 5.05 19.49 -11.55
C VAL A 192 3.97 20.01 -10.59
N ALA A 193 3.80 19.45 -9.39
CA ALA A 193 2.91 20.07 -8.37
C ALA A 193 3.37 19.64 -6.99
N GLU A 194 3.12 20.46 -5.98
CA GLU A 194 3.66 20.20 -4.63
C GLU A 194 2.78 20.90 -3.60
N SER A 195 2.39 20.20 -2.54
CA SER A 195 1.90 20.82 -1.30
C SER A 195 2.79 20.29 -0.19
N ARG A 196 3.34 21.15 0.65
CA ARG A 196 4.27 20.74 1.71
C ARG A 196 4.10 21.68 2.91
N ARG A 197 4.49 21.24 4.10
CA ARG A 197 4.54 22.16 5.27
C ARG A 197 5.66 23.16 4.98
N ASP A 198 5.43 24.40 5.40
CA ASP A 198 6.05 25.55 4.69
C ASP A 198 7.47 25.67 5.20
N ASN A 199 7.86 25.00 6.28
CA ASN A 199 9.30 24.97 6.65
C ASN A 199 10.07 23.86 5.92
N LEU A 200 9.54 23.24 4.86
CA LEU A 200 10.32 22.25 4.07
C LEU A 200 10.79 22.93 2.78
N GLU A 201 12.04 22.67 2.39
CA GLU A 201 12.55 23.10 1.07
C GLU A 201 11.62 22.54 -0.01
N PRO A 202 11.13 23.34 -0.96
CA PRO A 202 10.33 22.82 -2.07
C PRO A 202 11.17 21.97 -3.03
N TYR A 203 10.59 20.88 -3.56
CA TYR A 203 11.13 20.13 -4.72
C TYR A 203 10.42 20.55 -6.00
N LEU A 204 9.45 21.45 -5.93
CA LEU A 204 8.67 21.82 -7.13
C LEU A 204 9.61 22.29 -8.26
N GLY A 205 9.38 21.82 -9.48
CA GLY A 205 10.21 22.14 -10.66
C GLY A 205 11.52 21.35 -10.78
N LEU A 206 11.89 20.50 -9.80
CA LEU A 206 13.14 19.69 -9.89
C LEU A 206 12.95 18.51 -10.86
N HIS A 207 14.03 18.17 -11.59
CA HIS A 207 14.11 17.06 -12.59
C HIS A 207 15.00 15.96 -12.02
N TYR A 208 14.60 14.71 -12.18
CA TYR A 208 15.33 13.54 -11.65
C TYR A 208 15.53 12.54 -12.79
N PRO A 209 16.70 11.87 -12.82
CA PRO A 209 17.01 10.90 -13.86
C PRO A 209 16.03 9.72 -13.93
N ALA A 210 15.73 9.26 -15.15
CA ALA A 210 14.90 8.05 -15.42
C ALA A 210 15.29 6.89 -14.50
N THR A 211 16.58 6.68 -14.29
CA THR A 211 17.16 5.51 -13.59
C THR A 211 16.90 5.57 -12.09
N ASP A 212 16.39 6.68 -11.56
CA ASP A 212 16.02 6.73 -10.12
C ASP A 212 14.84 5.79 -9.86
N ILE A 213 14.03 5.57 -10.91
CA ILE A 213 12.84 4.66 -10.86
C ILE A 213 13.03 3.63 -11.97
N PRO A 214 13.63 2.46 -11.68
CA PRO A 214 13.84 1.45 -12.71
C PRO A 214 12.54 1.06 -13.43
N GLN A 215 12.67 0.52 -14.64
CA GLN A 215 11.52 0.14 -15.49
C GLN A 215 10.64 -0.86 -14.71
N ALA A 216 11.25 -1.76 -13.92
CA ALA A 216 10.54 -2.81 -13.16
C ALA A 216 9.61 -2.14 -12.17
N SER A 217 10.10 -1.12 -11.46
CA SER A 217 9.29 -0.38 -10.47
C SER A 217 8.12 0.29 -11.24
N ARG A 218 8.41 0.95 -12.37
CA ARG A 218 7.36 1.66 -13.14
C ARG A 218 6.33 0.65 -13.62
N PHE A 219 6.79 -0.53 -14.04
CA PHE A 219 5.89 -1.57 -14.59
C PHE A 219 4.98 -2.05 -13.46
N LEU A 220 5.51 -2.29 -12.26
CA LEU A 220 4.77 -2.92 -11.15
C LEU A 220 3.64 -2.02 -10.68
N PHE A 221 3.77 -0.71 -10.87
CA PHE A 221 2.75 0.30 -10.48
C PHE A 221 1.46 0.19 -11.28
N ARG A 222 1.46 -0.50 -12.44
CA ARG A 222 0.21 -0.75 -13.21
C ARG A 222 -0.74 -1.65 -12.42
N GLN A 223 -0.22 -2.72 -11.80
CA GLN A 223 -1.02 -3.69 -11.02
C GLN A 223 -1.07 -3.25 -9.55
N ASN A 224 0.01 -2.66 -9.03
CA ASN A 224 0.20 -2.34 -7.59
C ASN A 224 0.19 -0.80 -7.48
N ARG A 225 -1.01 -0.21 -7.41
CA ARG A 225 -1.29 1.23 -7.68
C ARG A 225 -0.90 2.07 -6.47
N VAL A 226 -0.73 1.45 -5.31
CA VAL A 226 -0.48 2.14 -4.02
C VAL A 226 0.57 1.39 -3.23
N ARG A 227 1.60 2.10 -2.81
CA ARG A 227 2.72 1.51 -2.06
C ARG A 227 3.05 2.45 -0.89
N MET A 228 3.03 1.92 0.32
CA MET A 228 3.40 2.66 1.54
C MET A 228 4.67 2.05 2.13
N ILE A 229 5.62 2.92 2.52
CA ILE A 229 6.82 2.55 3.32
C ILE A 229 6.77 3.35 4.63
N ALA A 230 6.68 2.66 5.74
CA ALA A 230 6.49 3.27 7.08
C ALA A 230 7.78 3.95 7.52
N ASP A 231 8.93 3.38 7.20
CA ASP A 231 10.20 3.80 7.84
C ASP A 231 11.35 3.19 7.05
N CYS A 232 12.02 4.02 6.27
CA CYS A 232 13.16 3.58 5.43
C CYS A 232 14.26 2.97 6.30
N HIS A 233 14.37 3.30 7.60
CA HIS A 233 15.47 2.79 8.45
C HIS A 233 15.10 1.47 9.12
N ALA A 234 13.86 1.00 9.02
CA ALA A 234 13.39 -0.19 9.77
C ALA A 234 14.05 -1.45 9.21
N THR A 235 14.34 -2.43 10.07
CA THR A 235 15.03 -3.68 9.67
C THR A 235 14.02 -4.60 9.00
N PRO A 236 14.22 -4.92 7.71
CA PRO A 236 13.30 -5.79 6.99
C PRO A 236 13.20 -7.12 7.76
N VAL A 237 12.02 -7.72 7.74
CA VAL A 237 11.70 -8.97 8.48
C VAL A 237 11.67 -10.13 7.48
N ARG A 238 12.32 -11.23 7.82
CA ARG A 238 12.44 -12.41 6.93
C ARG A 238 11.09 -13.13 6.91
N VAL A 239 10.78 -13.80 5.82
CA VAL A 239 9.65 -14.77 5.69
C VAL A 239 10.20 -16.20 5.83
N ILE A 240 9.69 -16.91 6.82
CA ILE A 240 9.87 -18.36 7.08
C ILE A 240 8.87 -19.11 6.19
N GLN A 241 9.30 -20.03 5.37
CA GLN A 241 8.34 -20.68 4.45
C GLN A 241 8.56 -22.18 4.42
N ASP A 242 7.54 -22.84 3.92
CA ASP A 242 7.47 -24.30 3.77
C ASP A 242 8.67 -24.72 2.95
N PRO A 243 9.43 -25.75 3.36
CA PRO A 243 10.60 -26.18 2.60
C PRO A 243 10.22 -26.70 1.21
N GLY A 244 8.96 -27.12 1.01
CA GLY A 244 8.46 -27.57 -0.29
C GLY A 244 8.33 -26.44 -1.31
N MET A 245 8.29 -25.17 -0.89
CA MET A 245 8.16 -24.03 -1.82
C MET A 245 9.54 -23.79 -2.43
N SER A 246 9.61 -23.75 -3.76
CA SER A 246 10.86 -23.83 -4.55
C SER A 246 11.44 -22.43 -4.85
N GLN A 247 10.68 -21.36 -4.58
CA GLN A 247 11.22 -20.00 -4.72
C GLN A 247 10.63 -19.15 -3.61
N PRO A 248 11.23 -17.99 -3.31
CA PRO A 248 10.70 -17.14 -2.24
C PRO A 248 9.25 -16.72 -2.57
N LEU A 249 8.42 -16.70 -1.54
CA LEU A 249 7.01 -16.23 -1.56
C LEU A 249 6.88 -15.00 -2.47
N CYS A 250 5.88 -15.00 -3.33
CA CYS A 250 5.50 -13.80 -4.11
C CYS A 250 4.91 -12.75 -3.17
N LEU A 251 5.67 -11.69 -2.85
CA LEU A 251 5.22 -10.55 -1.99
C LEU A 251 4.87 -9.32 -2.83
N VAL A 252 4.86 -9.42 -4.16
CA VAL A 252 4.68 -8.23 -5.04
C VAL A 252 3.37 -7.53 -4.68
N GLY A 253 2.35 -8.26 -4.19
CA GLY A 253 1.03 -7.68 -3.91
C GLY A 253 0.83 -7.38 -2.46
N SER A 254 1.85 -7.58 -1.64
CA SER A 254 1.75 -7.37 -0.16
C SER A 254 1.73 -5.87 0.16
N THR A 255 0.88 -5.44 1.07
CA THR A 255 0.91 -4.03 1.58
C THR A 255 2.20 -3.79 2.37
N LEU A 256 2.85 -4.86 2.84
CA LEU A 256 3.98 -4.81 3.79
C LEU A 256 5.30 -5.07 3.07
N ARG A 257 5.31 -5.23 1.75
CA ARG A 257 6.57 -5.64 1.07
C ARG A 257 7.71 -4.66 1.43
N ALA A 258 8.88 -5.14 1.87
CA ALA A 258 10.03 -4.30 2.23
C ALA A 258 10.59 -3.65 0.98
N PRO A 259 11.01 -2.37 1.01
CA PRO A 259 11.60 -1.76 -0.18
C PRO A 259 12.99 -2.32 -0.52
N HIS A 260 13.33 -2.45 -1.81
CA HIS A 260 14.72 -2.75 -2.25
C HIS A 260 15.69 -1.84 -1.52
N GLY A 261 16.79 -2.41 -1.04
CA GLY A 261 17.83 -1.71 -0.24
C GLY A 261 18.31 -0.42 -0.89
N CYS A 262 18.44 -0.41 -2.21
CA CYS A 262 18.90 0.80 -2.91
C CYS A 262 17.91 1.95 -2.64
N HIS A 263 16.63 1.68 -2.85
CA HIS A 263 15.57 2.68 -2.63
C HIS A 263 15.47 3.06 -1.14
N ALA A 264 15.60 2.12 -0.20
CA ALA A 264 15.62 2.47 1.24
C ALA A 264 16.71 3.52 1.50
N GLN A 265 17.88 3.34 0.89
CA GLN A 265 19.04 4.24 1.06
C GLN A 265 18.76 5.57 0.36
N TYR A 266 18.09 5.53 -0.80
CA TYR A 266 17.69 6.74 -1.58
C TYR A 266 16.75 7.60 -0.74
N MET A 267 15.84 6.93 -0.03
CA MET A 267 14.84 7.59 0.85
C MET A 267 15.58 8.31 2.00
N ALA A 268 16.45 7.61 2.71
CA ALA A 268 17.26 8.15 3.82
C ALA A 268 18.10 9.32 3.30
N ASN A 269 18.74 9.22 2.14
CA ASN A 269 19.53 10.34 1.57
C ASN A 269 18.62 11.52 1.24
N MET A 270 17.38 11.29 0.84
CA MET A 270 16.47 12.39 0.43
C MET A 270 15.82 13.01 1.69
N GLY A 271 15.92 12.36 2.87
CA GLY A 271 15.19 12.73 4.10
C GLY A 271 13.71 12.31 4.12
N SER A 272 13.25 11.48 3.17
CA SER A 272 11.88 10.89 3.20
C SER A 272 11.95 9.62 4.04
N ILE A 273 11.60 9.72 5.32
CA ILE A 273 11.66 8.57 6.24
C ILE A 273 10.51 7.62 5.91
N ALA A 274 9.37 8.17 5.49
CA ALA A 274 8.15 7.43 5.19
C ALA A 274 7.64 7.93 3.86
N SER A 275 6.96 7.06 3.11
CA SER A 275 6.42 7.46 1.81
C SER A 275 5.09 6.78 1.54
N LEU A 276 4.29 7.42 0.71
CA LEU A 276 3.08 6.85 0.10
C LEU A 276 3.15 7.27 -1.36
N VAL A 277 3.24 6.29 -2.25
CA VAL A 277 3.39 6.52 -3.70
C VAL A 277 2.26 5.83 -4.43
N MET A 278 1.66 6.53 -5.40
CA MET A 278 0.41 6.10 -6.10
C MET A 278 0.49 6.40 -7.58
N ALA A 279 0.13 5.41 -8.39
CA ALA A 279 0.14 5.46 -9.87
C ALA A 279 -0.90 6.48 -10.35
N VAL A 280 -0.51 7.23 -11.37
CA VAL A 280 -1.41 8.02 -12.25
C VAL A 280 -1.42 7.33 -13.61
N ILE A 281 -2.52 6.61 -13.85
CA ILE A 281 -2.78 5.75 -15.04
C ILE A 281 -3.72 6.48 -16.01
N ILE A 282 -3.45 6.40 -17.32
CA ILE A 282 -4.27 6.97 -18.43
C ILE A 282 -4.32 5.96 -19.61
N SER A 283 -4.76 6.34 -20.83
CA SER A 283 -4.74 5.52 -22.08
C SER A 283 -3.70 6.02 -23.12
N SER A 284 -3.30 5.16 -24.07
CA SER A 284 -2.36 5.46 -25.18
N ALA A 299 -3.94 -0.21 -23.89
CA ALA A 299 -2.98 0.90 -24.11
C ALA A 299 -3.11 1.91 -22.96
N MET A 300 -3.10 1.40 -21.72
CA MET A 300 -3.06 2.19 -20.46
C MET A 300 -1.60 2.57 -20.11
N LYS A 301 -1.33 3.84 -19.79
CA LYS A 301 0.02 4.44 -19.60
C LYS A 301 0.17 4.86 -18.11
N LEU A 302 1.34 4.64 -17.50
CA LEU A 302 1.78 5.35 -16.26
C LEU A 302 2.27 6.75 -16.63
N TRP A 303 1.46 7.79 -16.41
CA TRP A 303 1.77 9.21 -16.75
C TRP A 303 2.65 9.84 -15.67
N GLY A 304 2.54 9.33 -14.45
CA GLY A 304 3.18 9.92 -13.28
C GLY A 304 2.80 9.19 -12.00
N LEU A 305 3.23 9.78 -10.90
CA LEU A 305 3.07 9.26 -9.53
C LEU A 305 2.60 10.42 -8.68
N VAL A 306 1.74 10.15 -7.73
CA VAL A 306 1.59 11.08 -6.59
C VAL A 306 2.53 10.53 -5.52
N VAL A 307 3.55 11.33 -5.16
CA VAL A 307 4.59 10.94 -4.19
C VAL A 307 4.36 11.71 -2.90
N CYS A 308 4.19 11.01 -1.77
CA CYS A 308 4.04 11.58 -0.42
C CYS A 308 5.26 11.22 0.40
N HIS A 309 5.83 12.19 1.13
CA HIS A 309 6.97 11.98 2.05
C HIS A 309 6.62 12.47 3.45
N HIS A 310 7.22 11.84 4.44
CA HIS A 310 7.20 12.28 5.85
C HIS A 310 8.64 12.26 6.33
N THR A 311 9.01 13.25 7.16
CA THR A 311 10.38 13.37 7.71
C THR A 311 10.49 12.50 8.96
N SER A 312 9.40 11.84 9.36
CA SER A 312 9.43 10.77 10.40
C SER A 312 8.55 9.57 9.99
N PRO A 313 8.62 8.44 10.73
CA PRO A 313 7.82 7.27 10.39
C PRO A 313 6.33 7.61 10.33
N ARG A 314 5.59 6.90 9.46
CA ARG A 314 4.15 7.10 9.23
C ARG A 314 3.58 5.86 8.54
N CYS A 315 2.40 5.41 8.94
CA CYS A 315 1.68 4.28 8.31
C CYS A 315 0.19 4.51 8.51
N ILE A 316 -0.43 5.19 7.58
CA ILE A 316 -1.87 5.51 7.68
C ILE A 316 -2.66 4.21 7.49
N PRO A 317 -3.86 4.07 8.09
CA PRO A 317 -4.63 2.83 7.97
C PRO A 317 -5.07 2.52 6.53
N PHE A 318 -5.31 1.24 6.26
CA PHE A 318 -5.73 0.73 4.93
C PHE A 318 -6.92 1.51 4.36
N PRO A 319 -7.99 1.78 5.13
CA PRO A 319 -9.21 2.35 4.55
C PRO A 319 -8.91 3.71 3.91
N LEU A 320 -8.02 4.46 4.54
CA LEU A 320 -7.56 5.78 4.01
C LEU A 320 -6.70 5.58 2.76
N ARG A 321 -5.83 4.57 2.74
CA ARG A 321 -5.07 4.22 1.49
C ARG A 321 -6.06 3.82 0.39
N TYR A 322 -7.09 3.01 0.73
CA TYR A 322 -8.12 2.62 -0.26
C TYR A 322 -8.81 3.87 -0.81
N ALA A 323 -9.14 4.83 0.05
CA ALA A 323 -9.74 6.13 -0.33
C ALA A 323 -8.88 6.80 -1.40
N CYS A 324 -7.58 6.99 -1.15
CA CYS A 324 -6.64 7.64 -2.09
C CYS A 324 -6.60 6.88 -3.41
N GLU A 325 -6.59 5.56 -3.32
CA GLU A 325 -6.56 4.67 -4.49
C GLU A 325 -7.71 5.03 -5.42
N PHE A 326 -8.95 5.18 -4.92
CA PHE A 326 -10.08 5.45 -5.85
C PHE A 326 -10.07 6.94 -6.20
N LEU A 327 -9.61 7.82 -5.32
CA LEU A 327 -9.32 9.21 -5.74
C LEU A 327 -8.34 9.20 -6.92
N MET A 328 -7.28 8.39 -6.89
CA MET A 328 -6.24 8.42 -7.97
C MET A 328 -6.83 7.85 -9.27
N GLN A 329 -7.77 6.90 -9.22
CA GLN A 329 -8.49 6.38 -10.42
C GLN A 329 -9.27 7.53 -11.03
N ALA A 330 -10.07 8.22 -10.19
CA ALA A 330 -10.82 9.44 -10.55
C ALA A 330 -9.87 10.46 -11.17
N PHE A 331 -8.80 10.86 -10.45
CA PHE A 331 -7.75 11.81 -10.96
C PHE A 331 -7.27 11.37 -12.34
N GLY A 332 -6.90 10.08 -12.49
CA GLY A 332 -6.47 9.50 -13.77
C GLY A 332 -7.47 9.73 -14.90
N LEU A 333 -8.76 9.48 -14.67
CA LEU A 333 -9.80 9.58 -15.73
C LEU A 333 -9.90 11.04 -16.20
N GLN A 334 -10.08 11.99 -15.26
CA GLN A 334 -10.21 13.43 -15.57
C GLN A 334 -8.96 13.88 -16.31
N LEU A 335 -7.78 13.46 -15.82
CA LEU A 335 -6.48 13.82 -16.44
C LEU A 335 -6.48 13.32 -17.88
N ASN A 336 -6.87 12.06 -18.11
CA ASN A 336 -6.85 11.40 -19.45
C ASN A 336 -7.79 12.14 -20.39
N MET A 337 -8.99 12.43 -19.91
CA MET A 337 -10.00 13.24 -20.62
C MET A 337 -9.30 14.54 -21.09
N GLU A 338 -8.77 15.34 -20.17
CA GLU A 338 -8.08 16.63 -20.48
C GLU A 338 -6.97 16.44 -21.52
N LEU A 339 -6.30 15.28 -21.52
CA LEU A 339 -5.24 14.94 -22.50
C LEU A 339 -5.88 14.60 -23.86
N GLN A 340 -6.59 13.46 -23.97
CA GLN A 340 -7.04 12.87 -25.27
C GLN A 340 -7.97 13.85 -25.98
N LEU A 341 -8.48 14.85 -25.24
CA LEU A 341 -9.21 16.05 -25.76
C LEU A 341 -8.48 16.61 -26.99
N ALA A 342 -6.11 18.52 -26.29
CA ALA A 342 -5.08 18.83 -27.31
C ALA A 342 -4.99 17.73 -28.37
N HIS A 343 -4.83 16.45 -27.94
CA HIS A 343 -4.67 15.24 -28.79
C HIS A 343 -5.56 15.34 -30.02
#